data_4JRC
#
_entry.id   4JRC
#
_cell.length_a   116.461
_cell.length_b   41.511
_cell.length_c   90.417
_cell.angle_alpha   90.000
_cell.angle_beta   106.760
_cell.angle_gamma   90.000
#
_symmetry.space_group_name_H-M   'C 1 2 1'
#
loop_
_entity.id
_entity.type
_entity.pdbx_description
1 polymer 'Distal Stem I region of the glyQS T box leader RNA'
2 non-polymer 'MAGNESIUM ION'
3 water water
#
_entity_poly.entity_id   1
_entity_poly.type   'polyribonucleotide'
_entity_poly.pdbx_seq_one_letter_code
;(GTP)GAACCCUCUCUUCCGAAGCGAGCCGGGGGCGGUGGGAGCCCGGUGAAGACGGUUCC
;
_entity_poly.pdbx_strand_id   A,B
#
loop_
_chem_comp.id
_chem_comp.type
_chem_comp.name
_chem_comp.formula
A RNA linking ADENOSINE-5'-MONOPHOSPHATE 'C10 H14 N5 O7 P'
C RNA linking CYTIDINE-5'-MONOPHOSPHATE 'C9 H14 N3 O8 P'
G RNA linking GUANOSINE-5'-MONOPHOSPHATE 'C10 H14 N5 O8 P'
GTP non-polymer GUANOSINE-5'-TRIPHOSPHATE 'C10 H16 N5 O14 P3'
MG non-polymer 'MAGNESIUM ION' 'Mg 2'
U RNA linking URIDINE-5'-MONOPHOSPHATE 'C9 H13 N2 O9 P'
#
# COMPACT_ATOMS: atom_id res chain seq x y z
PG GTP A 1 2.06 -34.06 -25.80
O1G GTP A 1 2.66 -35.43 -26.02
O2G GTP A 1 0.63 -34.19 -25.34
O3G GTP A 1 2.12 -33.27 -27.08
O3B GTP A 1 2.92 -33.32 -24.65
PB GTP A 1 4.50 -33.07 -24.84
O1B GTP A 1 5.04 -32.27 -23.68
O2B GTP A 1 5.24 -34.40 -24.97
O3A GTP A 1 4.60 -32.21 -26.19
PA GTP A 1 4.05 -30.70 -26.24
O1A GTP A 1 3.55 -30.39 -27.62
O2A GTP A 1 2.95 -30.50 -25.21
O5' GTP A 1 5.33 -29.80 -25.89
C5' GTP A 1 6.08 -29.19 -26.94
C4' GTP A 1 7.34 -29.99 -27.25
O4' GTP A 1 7.01 -31.30 -27.67
C3' GTP A 1 8.12 -29.37 -28.39
O3' GTP A 1 9.08 -28.47 -27.91
C2' GTP A 1 8.75 -30.56 -29.07
O2' GTP A 1 10.06 -30.77 -28.58
C1' GTP A 1 7.87 -31.74 -28.71
N9 GTP A 1 7.02 -32.14 -29.85
C8 GTP A 1 5.75 -32.65 -29.73
N7 GTP A 1 5.26 -32.91 -30.95
C5 GTP A 1 6.19 -32.58 -31.87
C6 GTP A 1 6.19 -32.66 -33.26
O6 GTP A 1 5.20 -33.09 -33.85
N1 GTP A 1 7.30 -32.25 -33.98
C2 GTP A 1 8.40 -31.77 -33.30
N2 GTP A 1 9.47 -31.38 -33.97
N3 GTP A 1 8.39 -31.70 -31.92
C4 GTP A 1 7.31 -32.10 -31.20
PG GTP B 1 -11.49 30.90 28.04
O1G GTP B 1 -11.18 30.21 29.34
O2G GTP B 1 -12.08 32.27 28.32
O3G GTP B 1 -12.46 30.06 27.24
O3B GTP B 1 -10.10 31.06 27.23
PB GTP B 1 -9.54 29.85 26.32
O1B GTP B 1 -9.69 28.55 27.06
O2B GTP B 1 -10.25 29.82 24.99
O3A GTP B 1 -7.99 30.23 26.13
PA GTP B 1 -6.87 29.75 27.17
O1A GTP B 1 -6.99 30.54 28.46
O2A GTP B 1 -6.97 28.26 27.45
O5' GTP B 1 -5.48 30.08 26.43
C5' GTP B 1 -5.41 31.19 25.56
C4' GTP B 1 -4.26 32.10 25.95
O4' GTP B 1 -4.73 33.09 26.85
C3' GTP B 1 -3.15 31.38 26.71
O3' GTP B 1 -2.16 30.91 25.83
C2' GTP B 1 -2.62 32.44 27.65
O2' GTP B 1 -1.49 33.07 27.06
C1' GTP B 1 -3.74 33.44 27.80
N9 GTP B 1 -4.31 33.31 29.16
C8 GTP B 1 -5.63 33.06 29.45
N7 GTP B 1 -5.76 33.01 30.79
C5 GTP B 1 -4.56 33.24 31.36
C6 GTP B 1 -4.16 33.32 32.69
O6 GTP B 1 -4.97 33.15 33.59
N1 GTP B 1 -2.83 33.59 32.99
C2 GTP B 1 -1.93 33.77 31.96
N2 GTP B 1 -0.66 34.02 32.24
N3 GTP B 1 -2.35 33.70 30.65
C4 GTP B 1 -3.64 33.44 30.35
MG MG C . -3.19 4.49 -11.62
MG MG D . 6.21 -1.08 10.77
#